data_8PQ0
#
_entry.id   8PQ0
#
_cell.length_a   66.722
_cell.length_b   66.722
_cell.length_c   176.528
_cell.angle_alpha   90.000
_cell.angle_beta   90.000
_cell.angle_gamma   120.000
#
_symmetry.space_group_name_H-M   'P 65 2 2'
#
loop_
_entity.id
_entity.type
_entity.pdbx_description
1 polymer 'Parkinson disease protein 7'
2 non-polymer '(3~{R})-3-(pent-4-ynylcarbamoyl)pyrrolidine-1-carboximidothioic acid'
3 water water
#
_entity_poly.entity_id   1
_entity_poly.type   'polypeptide(L)'
_entity_poly.pdbx_seq_one_letter_code
;GPMASKRALVILAKGAEEMETVIPVDVMRRAGIKVTVAGLAGKDPVQCSRDVVICPDASLEDAKKEGPYDVVVLPGGNLG
AQNLSESAAVKEILKEQENRKGLIAAICAGPTALLAHEIGFGSKVTTHPLAKDKMMNGGHYTYSENRVEKDGLILTSRGP
GTSFEFALAIVEALNGKEVAAQVKAPLVLKD
;
_entity_poly.pdbx_strand_id   A
#
loop_
_chem_comp.id
_chem_comp.type
_chem_comp.name
_chem_comp.formula
8RX non-polymer '(3~{R})-3-(pent-4-ynylcarbamoyl)pyrrolidine-1-carboximidothioic acid' 'C11 H17 N3 O S'
#
# COMPACT_ATOMS: atom_id res chain seq x y z
N SER A 5 -4.14 17.87 -8.39
CA SER A 5 -4.48 16.89 -7.32
C SER A 5 -3.45 15.75 -7.31
N LYS A 6 -3.09 15.26 -6.13
CA LYS A 6 -2.16 14.11 -6.04
C LYS A 6 -2.91 12.84 -6.50
N ARG A 7 -2.17 11.82 -6.94
CA ARG A 7 -2.81 10.63 -7.47
C ARG A 7 -2.21 9.39 -6.81
N ALA A 8 -3.06 8.40 -6.50
CA ALA A 8 -2.62 7.19 -5.81
C ALA A 8 -3.06 5.96 -6.60
N LEU A 9 -2.15 4.98 -6.73
CA LEU A 9 -2.47 3.68 -7.30
C LEU A 9 -2.52 2.66 -6.16
N VAL A 10 -3.68 2.03 -5.97
CA VAL A 10 -3.85 0.96 -4.98
C VAL A 10 -4.01 -0.33 -5.76
N ILE A 11 -3.10 -1.28 -5.55
CA ILE A 11 -3.12 -2.53 -6.33
C ILE A 11 -3.88 -3.60 -5.55
N LEU A 12 -4.99 -4.10 -6.13
CA LEU A 12 -5.93 -4.96 -5.46
C LEU A 12 -5.84 -6.36 -6.07
N ALA A 13 -5.33 -7.31 -5.30
CA ALA A 13 -5.17 -8.69 -5.73
C ALA A 13 -6.16 -9.57 -5.00
N LYS A 14 -6.51 -10.71 -5.62
CA LYS A 14 -7.33 -11.72 -4.93
C LYS A 14 -6.69 -12.06 -3.59
N GLY A 15 -7.51 -12.13 -2.54
CA GLY A 15 -7.01 -12.42 -1.22
C GLY A 15 -6.50 -11.22 -0.46
N ALA A 16 -6.59 -10.02 -1.05
CA ALA A 16 -6.15 -8.81 -0.32
C ALA A 16 -6.95 -8.64 0.95
N GLU A 17 -6.36 -7.99 1.95
CA GLU A 17 -7.13 -7.69 3.18
C GLU A 17 -8.08 -6.53 2.85
N GLU A 18 -9.38 -6.74 2.94
CA GLU A 18 -10.36 -5.70 2.52
C GLU A 18 -10.22 -4.43 3.39
N MET A 19 -10.01 -4.57 4.69
CA MET A 19 -9.93 -3.37 5.57
C MET A 19 -8.67 -2.59 5.19
N GLU A 20 -7.56 -3.29 4.93
CA GLU A 20 -6.31 -2.61 4.60
C GLU A 20 -6.35 -2.02 3.20
N THR A 21 -7.32 -2.45 2.37
CA THR A 21 -7.56 -1.83 1.07
C THR A 21 -8.50 -0.62 1.20
N VAL A 22 -9.64 -0.82 1.86
CA VAL A 22 -10.69 0.21 1.86
C VAL A 22 -10.32 1.39 2.74
N ILE A 23 -9.68 1.17 3.91
CA ILE A 23 -9.35 2.32 4.75
C ILE A 23 -8.43 3.29 4.01
N PRO A 24 -7.33 2.85 3.44
CA PRO A 24 -6.50 3.83 2.72
C PRO A 24 -7.21 4.45 1.53
N VAL A 25 -8.00 3.68 0.77
CA VAL A 25 -8.70 4.28 -0.37
C VAL A 25 -9.62 5.40 0.09
N ASP A 26 -10.43 5.12 1.11
CA ASP A 26 -11.42 6.07 1.60
C ASP A 26 -10.74 7.29 2.21
N VAL A 27 -9.76 7.09 3.08
CA VAL A 27 -9.09 8.22 3.72
C VAL A 27 -8.36 9.09 2.68
N MET A 28 -7.68 8.46 1.72
CA MET A 28 -7.04 9.24 0.65
C MET A 28 -8.05 10.04 -0.15
N ARG A 29 -9.21 9.43 -0.49
CA ARG A 29 -10.22 10.20 -1.23
C ARG A 29 -10.77 11.35 -0.40
N ARG A 30 -10.92 11.15 0.92
CA ARG A 30 -11.35 12.26 1.79
C ARG A 30 -10.36 13.41 1.74
N ALA A 31 -9.08 13.11 1.50
CA ALA A 31 -8.02 14.11 1.40
C ALA A 31 -7.93 14.76 0.03
N GLY A 32 -8.81 14.37 -0.89
CA GLY A 32 -8.78 14.93 -2.24
C GLY A 32 -7.76 14.31 -3.17
N ILE A 33 -7.18 13.18 -2.78
CA ILE A 33 -6.31 12.42 -3.67
C ILE A 33 -7.18 11.68 -4.65
N LYS A 34 -6.78 11.70 -5.94
CA LYS A 34 -7.44 10.88 -6.95
C LYS A 34 -6.87 9.48 -6.85
N VAL A 35 -7.67 8.53 -6.38
CA VAL A 35 -7.23 7.16 -6.15
C VAL A 35 -7.79 6.26 -7.25
N THR A 36 -6.92 5.42 -7.83
CA THR A 36 -7.33 4.35 -8.76
C THR A 36 -7.15 3.01 -8.05
N VAL A 37 -8.27 2.33 -7.80
CA VAL A 37 -8.22 0.96 -7.28
C VAL A 37 -8.04 0.07 -8.51
N ALA A 38 -6.85 -0.50 -8.67
CA ALA A 38 -6.48 -1.25 -9.89
C ALA A 38 -6.45 -2.75 -9.61
N GLY A 39 -7.26 -3.51 -10.32
CA GLY A 39 -7.28 -4.95 -10.09
C GLY A 39 -6.09 -5.65 -10.73
N LEU A 40 -5.31 -6.35 -9.91
CA LEU A 40 -4.10 -7.02 -10.40
C LEU A 40 -4.40 -7.90 -11.61
N ALA A 41 -5.49 -8.68 -11.54
CA ALA A 41 -5.78 -9.66 -12.57
C ALA A 41 -6.54 -9.06 -13.73
N GLY A 42 -7.16 -7.91 -13.53
CA GLY A 42 -8.03 -7.33 -14.51
C GLY A 42 -9.08 -6.47 -13.82
N LYS A 43 -10.08 -6.11 -14.61
CA LYS A 43 -11.12 -5.23 -14.13
C LYS A 43 -12.23 -5.93 -13.36
N ASP A 44 -12.24 -7.26 -13.26
CA ASP A 44 -13.40 -7.91 -12.66
C ASP A 44 -13.36 -7.83 -11.12
N PRO A 45 -14.49 -8.07 -10.46
CA PRO A 45 -14.52 -7.94 -8.99
C PRO A 45 -13.53 -8.91 -8.33
N VAL A 46 -13.01 -8.47 -7.18
CA VAL A 46 -11.92 -9.14 -6.48
C VAL A 46 -12.46 -9.65 -5.14
N GLN A 47 -12.32 -10.96 -4.93
CA GLN A 47 -12.65 -11.58 -3.66
C GLN A 47 -11.52 -11.40 -2.66
N CYS A 48 -11.82 -10.70 -1.57
CA CYS A 48 -10.79 -10.38 -0.59
C CYS A 48 -10.71 -11.49 0.47
N SER A 49 -9.81 -11.28 1.45
CA SER A 49 -9.42 -12.33 2.40
C SER A 49 -10.58 -12.82 3.25
N ARG A 50 -11.52 -11.94 3.59
CA ARG A 50 -12.72 -12.33 4.32
C ARG A 50 -13.95 -12.25 3.44
N ASP A 51 -13.78 -12.50 2.15
CA ASP A 51 -14.85 -12.70 1.18
C ASP A 51 -15.63 -11.44 0.82
N VAL A 52 -15.23 -10.25 1.31
CA VAL A 52 -15.79 -9.04 0.73
C VAL A 52 -15.32 -8.95 -0.71
N VAL A 53 -16.22 -8.55 -1.60
CA VAL A 53 -15.93 -8.50 -3.03
C VAL A 53 -15.94 -7.03 -3.43
N ILE A 54 -14.76 -6.53 -3.84
CA ILE A 54 -14.63 -5.09 -4.19
C ILE A 54 -14.51 -4.99 -5.71
N CYS A 55 -15.23 -4.05 -6.32
CA CYS A 55 -15.17 -3.85 -7.78
C CYS A 55 -14.08 -2.83 -8.09
N PRO A 56 -12.99 -3.21 -8.81
CA PRO A 56 -11.89 -2.29 -9.09
C PRO A 56 -12.30 -1.19 -10.08
N ASP A 57 -11.66 -0.01 -9.98
CA ASP A 57 -11.95 1.07 -10.94
C ASP A 57 -11.44 0.73 -12.33
N ALA A 58 -10.37 -0.06 -12.40
CA ALA A 58 -9.70 -0.34 -13.65
C ALA A 58 -8.84 -1.58 -13.46
N SER A 59 -8.48 -2.20 -14.58
CA SER A 59 -7.43 -3.21 -14.51
C SER A 59 -6.09 -2.53 -14.24
N LEU A 60 -5.15 -3.28 -13.64
CA LEU A 60 -3.81 -2.76 -13.48
C LEU A 60 -3.18 -2.44 -14.84
N GLU A 61 -3.47 -3.26 -15.85
CA GLU A 61 -2.93 -3.01 -17.18
C GLU A 61 -3.29 -1.61 -17.68
N ASP A 62 -4.55 -1.22 -17.50
CA ASP A 62 -4.97 0.12 -17.93
C ASP A 62 -4.47 1.19 -16.98
N ALA A 63 -4.50 0.90 -15.67
CA ALA A 63 -4.02 1.88 -14.67
C ALA A 63 -2.56 2.23 -14.94
N LYS A 64 -1.78 1.27 -15.43
CA LYS A 64 -0.34 1.51 -15.74
C LYS A 64 -0.24 2.61 -16.80
N LYS A 65 -1.10 2.59 -17.81
CA LYS A 65 -1.02 3.57 -18.93
C LYS A 65 -1.32 4.99 -18.41
N GLU A 66 -1.91 5.11 -17.21
CA GLU A 66 -2.27 6.44 -16.71
C GLU A 66 -1.30 6.96 -15.67
N GLY A 67 -0.15 6.32 -15.48
CA GLY A 67 0.84 6.81 -14.57
C GLY A 67 1.47 8.10 -15.05
N PRO A 68 2.37 8.67 -14.22
CA PRO A 68 2.81 8.10 -12.95
C PRO A 68 1.91 8.52 -11.80
N TYR A 69 2.06 7.82 -10.68
CA TYR A 69 1.29 8.11 -9.49
C TYR A 69 2.20 8.63 -8.38
N ASP A 70 1.64 9.46 -7.51
CA ASP A 70 2.43 9.99 -6.42
C ASP A 70 2.66 8.97 -5.32
N VAL A 71 1.79 7.97 -5.21
CA VAL A 71 2.03 6.84 -4.31
C VAL A 71 1.48 5.58 -4.96
N VAL A 72 2.18 4.48 -4.72
CA VAL A 72 1.68 3.14 -5.01
C VAL A 72 1.47 2.44 -3.69
N VAL A 73 0.26 1.92 -3.47
CA VAL A 73 -0.15 1.37 -2.17
C VAL A 73 -0.36 -0.14 -2.31
N LEU A 74 0.25 -0.90 -1.39
CA LEU A 74 0.12 -2.36 -1.39
C LEU A 74 -0.61 -2.76 -0.10
N PRO A 75 -1.88 -3.16 -0.16
CA PRO A 75 -2.52 -3.78 1.01
C PRO A 75 -1.88 -5.12 1.36
N GLY A 76 -2.23 -5.65 2.52
CA GLY A 76 -1.82 -6.99 2.91
C GLY A 76 -2.85 -8.05 2.58
N GLY A 77 -2.98 -9.02 3.49
CA GLY A 77 -3.67 -10.27 3.20
C GLY A 77 -2.63 -11.29 2.78
N ASN A 78 -2.69 -12.49 3.36
CA ASN A 78 -1.69 -13.52 3.04
C ASN A 78 -1.67 -13.82 1.54
N LEU A 79 -2.84 -14.18 0.98
CA LEU A 79 -2.90 -14.52 -0.44
C LEU A 79 -2.73 -13.28 -1.30
N GLY A 80 -3.26 -12.13 -0.87
CA GLY A 80 -3.09 -10.91 -1.65
C GLY A 80 -1.63 -10.54 -1.80
N ALA A 81 -0.89 -10.57 -0.68
CA ALA A 81 0.54 -10.25 -0.74
C ALA A 81 1.31 -11.27 -1.55
N GLN A 82 0.96 -12.54 -1.44
CA GLN A 82 1.58 -13.56 -2.29
C GLN A 82 1.34 -13.25 -3.77
N ASN A 83 0.11 -12.89 -4.13
CA ASN A 83 -0.21 -12.56 -5.51
C ASN A 83 0.55 -11.34 -6.00
N LEU A 84 0.62 -10.29 -5.17
CA LEU A 84 1.46 -9.12 -5.50
C LEU A 84 2.93 -9.53 -5.68
N SER A 85 3.44 -10.40 -4.81
CA SER A 85 4.83 -10.84 -4.88
C SER A 85 5.14 -11.64 -6.13
N GLU A 86 4.14 -12.31 -6.70
CA GLU A 86 4.38 -13.19 -7.84
C GLU A 86 4.22 -12.46 -9.18
N SER A 87 3.80 -11.21 -9.16
CA SER A 87 3.41 -10.48 -10.36
C SER A 87 4.58 -9.73 -10.98
N ALA A 88 4.93 -10.06 -12.23
CA ALA A 88 5.95 -9.30 -12.95
C ALA A 88 5.51 -7.86 -13.20
N ALA A 89 4.21 -7.63 -13.39
CA ALA A 89 3.71 -6.26 -13.58
C ALA A 89 3.92 -5.42 -12.33
N VAL A 90 3.66 -5.99 -11.15
CA VAL A 90 3.92 -5.27 -9.90
C VAL A 90 5.40 -4.95 -9.76
N LYS A 91 6.28 -5.90 -10.11
CA LYS A 91 7.71 -5.67 -10.05
C LYS A 91 8.10 -4.42 -10.85
N GLU A 92 7.59 -4.32 -12.08
CA GLU A 92 7.93 -3.19 -12.95
C GLU A 92 7.40 -1.87 -12.40
N ILE A 93 6.18 -1.87 -11.88
CA ILE A 93 5.60 -0.66 -11.31
C ILE A 93 6.43 -0.18 -10.12
N LEU A 94 6.78 -1.10 -9.22
CA LEU A 94 7.53 -0.72 -8.02
C LEU A 94 8.93 -0.25 -8.38
N LYS A 95 9.57 -0.92 -9.36
CA LYS A 95 10.89 -0.48 -9.75
C LYS A 95 10.84 0.90 -10.39
N GLU A 96 9.86 1.14 -11.26
CA GLU A 96 9.71 2.47 -11.85
C GLU A 96 9.44 3.51 -10.77
N GLN A 97 8.57 3.19 -9.82
CA GLN A 97 8.25 4.16 -8.77
C GLN A 97 9.49 4.46 -7.93
N GLU A 98 10.26 3.43 -7.60
CA GLU A 98 11.48 3.66 -6.85
C GLU A 98 12.45 4.52 -7.66
N ASN A 99 12.54 4.28 -8.96
CA ASN A 99 13.55 4.96 -9.77
C ASN A 99 13.19 6.42 -10.00
N ARG A 100 11.90 6.75 -10.04
CA ARG A 100 11.43 8.13 -10.17
C ARG A 100 11.30 8.87 -8.85
N LYS A 101 11.72 8.24 -7.74
CA LYS A 101 11.68 8.86 -6.42
C LYS A 101 10.22 9.11 -5.97
N GLY A 102 9.35 8.16 -6.24
CA GLY A 102 7.97 8.24 -5.81
C GLY A 102 7.71 7.36 -4.59
N LEU A 103 6.69 7.76 -3.82
CA LEU A 103 6.37 7.07 -2.59
C LEU A 103 5.80 5.67 -2.87
N ILE A 104 6.22 4.70 -2.05
CA ILE A 104 5.62 3.36 -2.04
C ILE A 104 5.19 3.08 -0.62
N ALA A 105 3.95 2.60 -0.45
CA ALA A 105 3.39 2.37 0.88
C ALA A 105 2.82 0.96 0.93
N ALA A 106 3.13 0.23 2.01
CA ALA A 106 2.68 -1.17 2.12
C ALA A 106 2.38 -1.48 3.57
N ILE A 107 1.31 -2.27 3.81
CA ILE A 107 0.85 -2.52 5.17
C ILE A 107 0.70 -4.01 5.46
N CYS A 108 1.07 -4.41 6.69
CA CYS A 108 0.78 -5.74 7.25
C CYS A 108 1.66 -6.82 6.59
N ALA A 109 1.09 -7.64 5.69
CA ALA A 109 1.92 -8.54 4.90
C ALA A 109 2.35 -7.91 3.58
N GLY A 110 1.74 -6.78 3.21
CA GLY A 110 2.11 -6.11 1.96
C GLY A 110 3.59 -5.84 1.78
N PRO A 111 4.35 -5.48 2.84
CA PRO A 111 5.77 -5.21 2.62
C PRO A 111 6.53 -6.40 2.13
N THR A 112 6.05 -7.64 2.34
CA THR A 112 6.80 -8.79 1.80
C THR A 112 6.84 -8.78 0.29
N ALA A 113 5.95 -8.04 -0.37
CA ALA A 113 6.05 -7.89 -1.82
C ALA A 113 7.21 -6.99 -2.20
N LEU A 114 7.59 -6.03 -1.33
CA LEU A 114 8.81 -5.27 -1.56
C LEU A 114 10.02 -6.20 -1.56
N LEU A 115 10.06 -7.14 -0.60
CA LEU A 115 11.17 -8.08 -0.57
C LEU A 115 11.21 -8.92 -1.85
N ALA A 116 10.03 -9.39 -2.27
CA ALA A 116 9.94 -10.27 -3.45
C ALA A 116 10.44 -9.57 -4.70
N HIS A 117 10.22 -8.27 -4.81
CA HIS A 117 10.60 -7.50 -5.98
C HIS A 117 11.89 -6.72 -5.78
N GLU A 118 12.60 -6.95 -4.68
CA GLU A 118 13.88 -6.30 -4.41
C GLU A 118 13.77 -4.78 -4.36
N ILE A 119 12.74 -4.30 -3.66
CA ILE A 119 12.42 -2.87 -3.58
C ILE A 119 12.91 -2.34 -2.24
N GLY A 120 13.64 -1.21 -2.29
CA GLY A 120 14.01 -0.47 -1.09
C GLY A 120 14.90 -1.20 -0.12
N PHE A 121 15.79 -2.06 -0.61
CA PHE A 121 16.69 -2.76 0.30
C PHE A 121 17.49 -1.77 1.14
N GLY A 122 17.70 -2.11 2.42
CA GLY A 122 18.41 -1.22 3.33
C GLY A 122 17.52 -0.22 4.03
N SER A 123 16.24 -0.19 3.71
CA SER A 123 15.31 0.69 4.41
C SER A 123 14.96 0.13 5.77
N LYS A 124 14.55 1.02 6.66
CA LYS A 124 13.93 0.63 7.90
C LYS A 124 12.45 0.43 7.59
N VAL A 125 11.93 -0.75 7.96
CA VAL A 125 10.56 -1.15 7.65
C VAL A 125 9.90 -1.81 8.86
N THR A 126 8.58 -1.73 8.89
CA THR A 126 7.80 -2.58 9.77
C THR A 126 6.87 -3.45 8.95
N THR A 127 6.31 -4.48 9.60
CA THR A 127 5.33 -5.38 8.99
C THR A 127 4.43 -5.83 10.12
N HIS A 128 3.43 -6.63 9.79
CA HIS A 128 2.74 -7.34 10.85
C HIS A 128 3.77 -8.19 11.61
N PRO A 129 3.60 -8.35 12.93
CA PRO A 129 4.51 -9.28 13.65
C PRO A 129 4.65 -10.65 13.00
N LEU A 130 3.58 -11.21 12.44
CA LEU A 130 3.65 -12.57 11.88
C LEU A 130 4.40 -12.61 10.55
N ALA A 131 4.59 -11.46 9.90
CA ALA A 131 5.32 -11.36 8.64
C ALA A 131 6.77 -10.98 8.84
N LYS A 132 7.21 -10.75 10.09
CA LYS A 132 8.59 -10.30 10.30
C LYS A 132 9.60 -11.29 9.77
N ASP A 133 9.44 -12.58 10.08
CA ASP A 133 10.47 -13.54 9.67
C ASP A 133 10.58 -13.59 8.15
N LYS A 134 9.43 -13.55 7.46
CA LYS A 134 9.45 -13.56 6.00
C LYS A 134 10.15 -12.32 5.44
N MET A 135 9.83 -11.15 6.00
CA MET A 135 10.40 -9.89 5.52
C MET A 135 11.90 -9.82 5.73
N MET A 136 12.37 -10.39 6.85
CA MET A 136 13.75 -10.26 7.31
C MET A 136 14.64 -11.39 6.82
N ASN A 137 14.08 -12.35 6.07
CA ASN A 137 14.87 -13.44 5.51
C ASN A 137 15.85 -12.91 4.47
N GLY A 138 17.15 -13.15 4.68
CA GLY A 138 18.14 -12.50 3.86
C GLY A 138 18.70 -11.22 4.41
N GLY A 139 18.09 -10.65 5.45
CA GLY A 139 18.63 -9.45 6.06
C GLY A 139 18.67 -8.23 5.16
N HIS A 140 17.66 -8.02 4.32
CA HIS A 140 17.71 -6.93 3.35
C HIS A 140 17.13 -5.62 3.85
N TYR A 141 16.61 -5.59 5.08
CA TYR A 141 16.02 -4.40 5.67
C TYR A 141 16.46 -4.31 7.13
N THR A 142 16.20 -3.17 7.75
CA THR A 142 16.31 -3.05 9.19
C THR A 142 14.89 -3.03 9.75
N TYR A 143 14.61 -3.82 10.78
CA TYR A 143 13.24 -3.99 11.26
C TYR A 143 12.87 -2.95 12.30
N SER A 144 11.58 -2.58 12.31
CA SER A 144 11.08 -1.60 13.25
C SER A 144 9.74 -2.06 13.81
N GLU A 145 9.49 -1.71 15.08
CA GLU A 145 8.23 -2.02 15.78
C GLU A 145 7.26 -0.85 15.73
N ASN A 146 7.62 0.26 15.08
CA ASN A 146 6.71 1.41 15.06
C ASN A 146 5.45 1.07 14.29
N ARG A 147 4.33 1.63 14.75
CA ARG A 147 3.05 1.34 14.11
C ARG A 147 3.01 1.78 12.65
N VAL A 148 3.65 2.91 12.35
CA VAL A 148 3.96 3.35 10.99
C VAL A 148 5.44 3.68 10.95
N GLU A 149 6.12 3.24 9.88
CA GLU A 149 7.53 3.55 9.68
C GLU A 149 7.69 4.19 8.30
N LYS A 150 8.24 5.40 8.28
CA LYS A 150 8.55 6.05 7.01
C LYS A 150 10.06 6.25 6.94
N ASP A 151 10.71 5.58 5.99
CA ASP A 151 12.13 5.75 5.75
C ASP A 151 12.25 6.30 4.33
N GLY A 152 12.38 7.62 4.23
CA GLY A 152 12.39 8.24 2.92
C GLY A 152 11.10 7.94 2.18
N LEU A 153 11.23 7.31 1.02
CA LEU A 153 10.09 7.03 0.15
C LEU A 153 9.55 5.62 0.32
N ILE A 154 9.90 4.92 1.40
CA ILE A 154 9.33 3.61 1.72
C ILE A 154 8.54 3.77 3.03
N LEU A 155 7.22 3.57 2.95
CA LEU A 155 6.32 3.81 4.06
C LEU A 155 5.63 2.47 4.36
N THR A 156 5.80 1.97 5.59
CA THR A 156 5.22 0.67 5.94
C THR A 156 4.43 0.77 7.25
N SER A 157 3.57 -0.23 7.46
CA SER A 157 2.74 -0.23 8.66
C SER A 157 2.35 -1.67 8.96
N ARG A 158 1.64 -1.89 10.08
CA ARG A 158 1.62 -3.21 10.69
C ARG A 158 0.35 -4.03 10.51
N GLY A 159 -0.84 -3.46 10.54
CA GLY A 159 -2.02 -4.29 10.54
C GLY A 159 -3.30 -3.50 10.33
N PRO A 160 -4.44 -4.17 10.37
CA PRO A 160 -5.71 -3.46 10.22
C PRO A 160 -5.85 -2.32 11.18
N GLY A 161 -5.45 -2.52 12.44
CA GLY A 161 -5.53 -1.51 13.47
C GLY A 161 -4.52 -0.38 13.39
N THR A 162 -3.59 -0.42 12.44
CA THR A 162 -2.77 0.74 12.10
C THR A 162 -3.14 1.33 10.74
N SER A 163 -4.24 0.87 10.12
CA SER A 163 -4.58 1.34 8.77
C SER A 163 -4.93 2.81 8.73
N PHE A 164 -5.58 3.33 9.77
CA PHE A 164 -5.94 4.77 9.81
C PHE A 164 -4.65 5.60 9.86
N GLU A 165 -3.75 5.11 10.66
CA GLU A 165 -2.49 5.87 10.88
C GLU A 165 -1.62 5.76 9.63
N PHE A 166 -1.67 4.62 8.99
CA PHE A 166 -0.95 4.36 7.71
C PHE A 166 -1.51 5.29 6.63
N ALA A 167 -2.84 5.35 6.52
CA ALA A 167 -3.47 6.20 5.50
C ALA A 167 -3.20 7.68 5.75
N LEU A 168 -3.30 8.11 7.01
CA LEU A 168 -3.03 9.53 7.29
C LEU A 168 -1.55 9.88 7.06
N ALA A 169 -0.64 8.90 7.23
CA ALA A 169 0.77 9.17 6.92
C ALA A 169 0.96 9.38 5.42
N ILE A 170 0.22 8.63 4.59
CA ILE A 170 0.25 8.86 3.16
C ILE A 170 -0.28 10.25 2.85
N VAL A 171 -1.44 10.58 3.40
CA VAL A 171 -2.01 11.92 3.19
C VAL A 171 -1.01 12.99 3.61
N GLU A 172 -0.37 12.84 4.78
CA GLU A 172 0.59 13.87 5.22
C GLU A 172 1.76 13.99 4.22
N ALA A 173 2.23 12.85 3.70
CA ALA A 173 3.37 12.86 2.80
C ALA A 173 3.03 13.54 1.48
N LEU A 174 1.82 13.32 0.98
CA LEU A 174 1.39 13.88 -0.31
C LEU A 174 0.84 15.29 -0.22
N ASN A 175 0.03 15.54 0.78
CA ASN A 175 -0.75 16.78 0.90
C ASN A 175 -0.41 17.63 2.11
N GLY A 176 0.43 17.14 3.03
CA GLY A 176 0.86 17.99 4.16
C GLY A 176 0.11 17.68 5.45
N LYS A 177 0.64 18.14 6.59
CA LYS A 177 0.01 17.87 7.91
C LYS A 177 -1.37 18.51 7.99
N GLU A 178 -1.54 19.74 7.47
CA GLU A 178 -2.84 20.45 7.59
C GLU A 178 -3.96 19.60 6.98
N VAL A 179 -3.77 19.13 5.75
CA VAL A 179 -4.81 18.31 5.10
C VAL A 179 -5.03 17.01 5.87
N ALA A 180 -3.94 16.40 6.35
CA ALA A 180 -4.13 15.18 7.15
C ALA A 180 -4.94 15.48 8.40
N ALA A 181 -4.70 16.63 9.05
CA ALA A 181 -5.45 16.98 10.26
C ALA A 181 -6.93 17.23 9.94
N GLN A 182 -7.22 17.87 8.81
CA GLN A 182 -8.60 18.06 8.37
C GLN A 182 -9.29 16.71 8.22
N VAL A 183 -8.64 15.78 7.50
CA VAL A 183 -9.27 14.46 7.27
C VAL A 183 -9.44 13.70 8.57
N LYS A 184 -8.46 13.80 9.48
CA LYS A 184 -8.52 13.05 10.72
C LYS A 184 -9.68 13.51 11.59
N ALA A 185 -10.01 14.81 11.56
CA ALA A 185 -10.87 15.40 12.59
C ALA A 185 -12.20 14.69 12.79
N PRO A 186 -12.98 14.37 11.75
CA PRO A 186 -14.26 13.69 11.97
C PRO A 186 -14.18 12.16 12.03
N LEU A 187 -12.99 11.57 12.00
CA LEU A 187 -12.94 10.11 11.98
C LEU A 187 -13.24 9.49 13.33
N VAL A 188 -13.21 10.29 14.40
CA VAL A 188 -13.41 9.78 15.79
C VAL A 188 -12.31 8.76 16.08
N LEU A 189 -11.07 9.08 15.67
CA LEU A 189 -9.92 8.18 15.92
C LEU A 189 -9.54 8.25 17.40
N LYS A 190 -8.96 7.17 17.92
CA LYS A 190 -8.57 7.12 19.36
C LYS A 190 -7.26 7.85 19.62
C10 8RX B . 2.34 -13.85 7.46
C13 8RX B . 2.69 -13.19 3.52
C02 8RX B . -1.59 -8.57 7.08
C05 8RX B . -1.87 -11.09 6.66
C06 8RX B . -1.79 -12.25 7.76
C07 8RX B . -0.86 -11.92 8.69
C08 8RX B . 0.61 -12.17 8.21
C11 8RX B . 2.11 -13.88 5.87
C12 8RX B . 3.09 -13.08 4.99
C14 8RX B . 2.34 -13.31 2.35
C16 8RX B . -1.06 -10.29 8.80
N03 8RX B . -2.00 -8.38 5.91
N04 8RX B . -1.47 -9.87 7.54
N09 8RX B . 0.99 -13.57 7.95
O15 8RX B . 1.42 -11.30 8.08
#